data_8QZO
#
_entry.id   8QZO
#
_cell.length_a   71.086
_cell.length_b   102.633
_cell.length_c   112.323
_cell.angle_alpha   90.000
_cell.angle_beta   90.000
_cell.angle_gamma   90.000
#
_symmetry.space_group_name_H-M   'P 21 21 21'
#
loop_
_entity.id
_entity.type
_entity.pdbx_description
1 polymer 'PRC-barrel domain-containing protein'
2 water water
#
_entity_poly.entity_id   1
_entity_poly.type   'polypeptide(L)'
_entity_poly.pdbx_seq_one_letter_code
;MIGEITTFFGMRVFTDEGRYVGRVEDVILDQNTKSIRGLAISDYNKALIDSHAKGVIIPYRVVKAVGDIIIIKDLFKRKS
RVLDYESRELIEEEGEEGEEWQEMYVPARSLARKSVVLTDGTVVGTLYNITVDFKTGTIVNLLVKPENEIPDFKKEEGLY
IIPFECVRSLKDFIVVDRRRVR
;
_entity_poly.pdbx_strand_id   A,B,D,F
#
# COMPACT_ATOMS: atom_id res chain seq x y z
N MET A 1 -6.14 -15.92 -16.43
CA MET A 1 -4.74 -16.21 -16.78
C MET A 1 -3.75 -16.03 -15.62
N ILE A 2 -3.82 -14.88 -14.95
CA ILE A 2 -2.94 -14.54 -13.83
C ILE A 2 -3.75 -14.63 -12.54
N GLY A 3 -3.19 -15.26 -11.51
CA GLY A 3 -3.94 -15.53 -10.31
C GLY A 3 -3.05 -16.07 -9.22
N GLU A 4 -3.67 -16.62 -8.18
CA GLU A 4 -2.88 -16.99 -7.02
C GLU A 4 -2.61 -18.49 -6.96
N ILE A 5 -1.45 -18.82 -6.38
CA ILE A 5 -0.89 -20.17 -6.43
C ILE A 5 -1.76 -21.15 -5.67
N THR A 6 -2.46 -20.68 -4.64
CA THR A 6 -3.34 -21.54 -3.87
C THR A 6 -4.46 -22.13 -4.72
N THR A 7 -4.76 -21.52 -5.87
CA THR A 7 -5.81 -22.04 -6.72
C THR A 7 -5.50 -23.46 -7.19
N PHE A 8 -4.21 -23.77 -7.44
CA PHE A 8 -3.85 -25.11 -7.91
C PHE A 8 -4.26 -26.20 -6.92
N PHE A 9 -4.30 -25.86 -5.65
CA PHE A 9 -4.38 -26.87 -4.61
C PHE A 9 -5.73 -27.56 -4.64
N GLY A 10 -5.70 -28.89 -4.71
CA GLY A 10 -6.91 -29.69 -4.79
C GLY A 10 -7.51 -29.82 -6.17
N MET A 11 -6.97 -29.14 -7.19
CA MET A 11 -7.59 -29.24 -8.50
C MET A 11 -7.33 -30.61 -9.14
N ARG A 12 -8.36 -31.13 -9.77
CA ARG A 12 -8.26 -32.36 -10.53
C ARG A 12 -7.58 -32.06 -11.85
N VAL A 13 -6.74 -32.98 -12.33
CA VAL A 13 -6.04 -32.82 -13.59
C VAL A 13 -6.59 -33.86 -14.56
N PHE A 14 -6.96 -33.43 -15.77
CA PHE A 14 -7.30 -34.40 -16.81
C PHE A 14 -6.41 -34.18 -18.01
N THR A 15 -6.37 -35.18 -18.89
CA THR A 15 -5.65 -35.02 -20.15
C THR A 15 -6.57 -34.42 -21.19
N ASP A 16 -5.98 -33.90 -22.27
CA ASP A 16 -6.79 -33.41 -23.37
C ASP A 16 -7.43 -34.52 -24.16
N GLU A 17 -7.40 -35.76 -23.68
CA GLU A 17 -8.30 -36.77 -24.20
C GLU A 17 -9.36 -37.17 -23.19
N GLY A 18 -9.56 -36.36 -22.16
CA GLY A 18 -10.61 -36.60 -21.20
C GLY A 18 -10.26 -37.58 -20.11
N ARG A 19 -9.01 -37.98 -19.96
CA ARG A 19 -8.67 -39.04 -19.04
C ARG A 19 -8.13 -38.44 -17.74
N TYR A 20 -8.66 -38.95 -16.62
CA TYR A 20 -8.31 -38.44 -15.30
C TYR A 20 -6.86 -38.74 -14.95
N VAL A 21 -6.15 -37.74 -14.44
CA VAL A 21 -4.77 -37.91 -14.03
C VAL A 21 -4.63 -37.91 -12.52
N GLY A 22 -5.21 -36.93 -11.84
CA GLY A 22 -5.14 -36.91 -10.39
C GLY A 22 -5.44 -35.52 -9.85
N ARG A 23 -5.07 -35.33 -8.59
CA ARG A 23 -5.32 -34.09 -7.84
C ARG A 23 -4.02 -33.39 -7.50
N VAL A 24 -3.98 -32.09 -7.74
CA VAL A 24 -2.76 -31.36 -7.43
C VAL A 24 -2.53 -31.33 -5.94
N GLU A 25 -1.33 -31.74 -5.52
CA GLU A 25 -0.92 -31.70 -4.13
C GLU A 25 0.03 -30.56 -3.82
N ASP A 26 0.88 -30.19 -4.77
CA ASP A 26 1.80 -29.08 -4.52
C ASP A 26 2.28 -28.57 -5.86
N VAL A 27 2.98 -27.44 -5.82
CA VAL A 27 3.45 -26.74 -7.01
C VAL A 27 4.95 -26.52 -6.86
N ILE A 28 5.73 -26.92 -7.86
CA ILE A 28 7.19 -26.91 -7.78
C ILE A 28 7.72 -25.66 -8.48
N LEU A 29 8.48 -24.86 -7.75
CA LEU A 29 8.93 -23.55 -8.22
C LEU A 29 10.42 -23.54 -8.52
N ASP A 30 10.82 -22.50 -9.25
CA ASP A 30 12.22 -22.29 -9.66
C ASP A 30 12.53 -20.81 -9.56
N GLN A 31 13.40 -20.44 -8.62
CA GLN A 31 13.82 -19.04 -8.52
C GLN A 31 14.64 -18.59 -9.73
N ASN A 32 15.47 -19.48 -10.28
CA ASN A 32 16.38 -19.08 -11.35
C ASN A 32 15.62 -18.62 -12.59
N THR A 33 14.55 -19.32 -12.96
CA THR A 33 13.76 -18.95 -14.12
C THR A 33 12.45 -18.25 -13.77
N LYS A 34 12.21 -17.96 -12.49
CA LYS A 34 11.02 -17.23 -12.08
C LYS A 34 9.76 -17.89 -12.63
N SER A 35 9.68 -19.20 -12.49
CA SER A 35 8.60 -19.89 -13.18
C SER A 35 8.23 -21.15 -12.42
N ILE A 36 7.01 -21.61 -12.68
CA ILE A 36 6.56 -22.89 -12.17
C ILE A 36 7.27 -24.00 -12.92
N ARG A 37 7.85 -24.95 -12.18
CA ARG A 37 8.61 -26.03 -12.80
C ARG A 37 7.72 -27.22 -13.11
N GLY A 38 6.92 -27.65 -12.13
CA GLY A 38 6.08 -28.81 -12.29
C GLY A 38 4.92 -28.72 -11.32
N LEU A 39 4.02 -29.69 -11.44
CA LEU A 39 2.92 -29.86 -10.51
C LEU A 39 3.05 -31.19 -9.81
N ALA A 40 2.95 -31.20 -8.49
CA ALA A 40 2.97 -32.43 -7.72
C ALA A 40 1.54 -32.99 -7.65
N ILE A 41 1.38 -34.23 -8.07
CA ILE A 41 0.09 -34.87 -8.21
C ILE A 41 -0.01 -36.02 -7.21
N SER A 42 -1.20 -36.22 -6.65
CA SER A 42 -1.45 -37.38 -5.82
C SER A 42 -2.84 -37.92 -6.17
N ASP A 43 -3.23 -39.04 -5.54
CA ASP A 43 -4.49 -39.71 -5.86
C ASP A 43 -4.55 -39.96 -7.36
N TYR A 44 -3.46 -40.49 -7.88
CA TYR A 44 -3.13 -40.45 -9.28
C TYR A 44 -3.57 -41.75 -9.93
N ASN A 45 -3.84 -41.69 -11.23
CA ASN A 45 -4.54 -42.77 -11.93
C ASN A 45 -3.59 -43.94 -12.21
N LYS A 46 -3.85 -45.09 -11.58
CA LYS A 46 -2.97 -46.25 -11.74
C LYS A 46 -3.04 -46.83 -13.15
N ALA A 47 -4.22 -46.80 -13.77
CA ALA A 47 -4.38 -47.22 -15.16
C ALA A 47 -3.43 -46.48 -16.10
N LEU A 48 -2.97 -45.28 -15.75
CA LEU A 48 -2.13 -44.49 -16.62
C LEU A 48 -0.69 -44.42 -16.17
N ILE A 49 -0.41 -44.53 -14.88
CA ILE A 49 0.94 -44.37 -14.34
C ILE A 49 1.36 -45.65 -13.66
N ASP A 50 2.49 -46.21 -14.10
CA ASP A 50 3.13 -47.34 -13.41
C ASP A 50 4.17 -46.77 -12.45
N SER A 51 3.85 -46.79 -11.17
CA SER A 51 4.69 -46.12 -10.19
C SER A 51 4.17 -46.45 -8.80
N HIS A 52 5.08 -46.41 -7.83
CA HIS A 52 4.75 -46.67 -6.43
C HIS A 52 4.99 -45.46 -5.54
N ALA A 53 5.33 -44.30 -6.11
CA ALA A 53 5.55 -43.12 -5.31
C ALA A 53 4.23 -42.62 -4.70
N LYS A 54 4.34 -41.92 -3.57
CA LYS A 54 3.18 -41.23 -3.01
C LYS A 54 2.58 -40.28 -4.03
N GLY A 55 3.42 -39.59 -4.79
CA GLY A 55 2.97 -38.64 -5.78
C GLY A 55 3.97 -38.55 -6.91
N VAL A 56 3.51 -38.03 -8.03
CA VAL A 56 4.35 -37.84 -9.21
C VAL A 56 4.34 -36.37 -9.58
N ILE A 57 5.36 -35.97 -10.32
CA ILE A 57 5.53 -34.59 -10.75
C ILE A 57 5.37 -34.53 -12.26
N ILE A 58 4.45 -33.68 -12.71
CA ILE A 58 4.23 -33.42 -14.12
C ILE A 58 4.91 -32.10 -14.46
N PRO A 59 5.72 -32.04 -15.51
CA PRO A 59 6.39 -30.77 -15.82
C PRO A 59 5.37 -29.76 -16.29
N TYR A 60 5.62 -28.48 -15.98
CA TYR A 60 4.55 -27.52 -16.19
C TYR A 60 4.29 -27.25 -17.66
N ARG A 61 5.29 -27.49 -18.53
CA ARG A 61 5.16 -27.23 -19.95
C ARG A 61 4.08 -28.07 -20.62
N VAL A 62 3.65 -29.17 -20.02
CA VAL A 62 2.58 -29.95 -20.64
C VAL A 62 1.20 -29.49 -20.19
N VAL A 63 1.12 -28.46 -19.34
CA VAL A 63 -0.16 -27.92 -18.93
C VAL A 63 -0.74 -27.06 -20.04
N LYS A 64 -1.99 -27.32 -20.40
CA LYS A 64 -2.64 -26.59 -21.47
C LYS A 64 -3.62 -25.55 -20.97
N ALA A 65 -4.30 -25.82 -19.86
CA ALA A 65 -5.36 -24.94 -19.41
C ALA A 65 -5.55 -25.12 -17.91
N VAL A 66 -5.85 -24.01 -17.23
CA VAL A 66 -6.23 -24.04 -15.81
C VAL A 66 -7.54 -23.29 -15.68
N GLY A 67 -8.60 -24.00 -15.30
CA GLY A 67 -9.91 -23.41 -15.20
C GLY A 67 -10.58 -23.88 -13.93
N ASP A 68 -11.63 -24.69 -14.08
CA ASP A 68 -12.18 -25.46 -12.97
C ASP A 68 -11.41 -26.76 -12.78
N ILE A 69 -10.76 -27.23 -13.84
CA ILE A 69 -9.86 -28.37 -13.83
C ILE A 69 -8.60 -27.95 -14.56
N ILE A 70 -7.56 -28.76 -14.43
CA ILE A 70 -6.33 -28.57 -15.19
C ILE A 70 -6.31 -29.61 -16.30
N ILE A 71 -6.08 -29.15 -17.53
CA ILE A 71 -5.96 -30.02 -18.68
C ILE A 71 -4.51 -30.07 -19.10
N ILE A 72 -3.96 -31.27 -19.29
CA ILE A 72 -2.60 -31.41 -19.77
C ILE A 72 -2.58 -32.22 -21.08
N LYS A 73 -1.47 -32.10 -21.80
CA LYS A 73 -1.22 -32.94 -22.96
C LYS A 73 -1.18 -34.41 -22.56
N ASP A 74 -1.93 -35.25 -23.27
CA ASP A 74 -1.96 -36.66 -22.92
C ASP A 74 -0.66 -37.31 -23.33
N LEU A 75 0.12 -37.71 -22.34
CA LEU A 75 1.41 -38.33 -22.60
C LEU A 75 1.47 -39.77 -22.08
N PHE A 76 0.32 -40.34 -21.73
CA PHE A 76 0.26 -41.66 -21.10
C PHE A 76 -0.03 -42.74 -22.13
N LYS A 77 0.82 -42.79 -23.14
CA LYS A 77 0.68 -43.68 -24.28
C LYS A 77 2.00 -44.38 -24.53
N ARG A 78 1.98 -45.35 -25.41
CA ARG A 78 3.20 -46.06 -25.78
C ARG A 78 3.55 -45.68 -27.22
N LYS A 79 4.82 -45.31 -27.41
CA LYS A 79 5.38 -45.24 -28.74
C LYS A 79 5.55 -46.66 -29.29
N SER A 80 5.57 -46.77 -30.61
CA SER A 80 5.81 -48.03 -31.31
C SER A 80 7.15 -47.97 -32.05
N ARG A 81 8.03 -48.95 -31.78
CA ARG A 81 9.33 -49.02 -32.43
C ARG A 81 9.16 -49.48 -33.86
N VAL A 82 9.94 -48.90 -34.76
CA VAL A 82 9.87 -49.25 -36.17
C VAL A 82 10.65 -50.53 -36.43
N LEU A 83 10.17 -51.37 -37.33
CA LEU A 83 10.83 -52.60 -37.70
C LEU A 83 11.24 -52.52 -39.16
N ASP A 84 12.47 -52.95 -39.44
CA ASP A 84 13.04 -52.72 -40.76
C ASP A 84 12.38 -53.60 -41.82
N TYR A 85 12.03 -54.83 -41.46
CA TYR A 85 11.45 -55.77 -42.41
C TYR A 85 9.94 -55.94 -42.22
N GLU A 86 9.32 -55.07 -41.44
CA GLU A 86 7.90 -55.16 -41.15
C GLU A 86 7.29 -53.77 -41.25
N SER A 87 6.24 -53.64 -42.07
CA SER A 87 5.48 -52.39 -42.09
C SER A 87 4.77 -52.13 -40.77
N ARG A 88 4.45 -53.19 -40.02
CA ARG A 88 3.90 -53.02 -38.70
C ARG A 88 5.00 -52.54 -37.76
N GLU A 89 4.60 -51.98 -36.63
CA GLU A 89 5.55 -51.51 -35.63
C GLU A 89 5.32 -52.24 -34.30
N LEU A 90 6.39 -52.35 -33.54
CA LEU A 90 6.41 -53.15 -32.32
C LEU A 90 6.08 -52.30 -31.09
N ILE A 91 5.50 -52.94 -30.07
CA ILE A 91 5.23 -52.32 -28.79
C ILE A 91 5.69 -53.26 -27.70
N GLU A 92 6.63 -52.81 -26.86
CA GLU A 92 7.02 -53.59 -25.68
C GLU A 92 6.87 -52.84 -24.37
N TYR A 105 15.17 -26.32 -6.75
CA TYR A 105 13.72 -26.34 -6.88
C TYR A 105 13.04 -26.36 -5.53
N VAL A 106 11.93 -25.63 -5.41
CA VAL A 106 11.24 -25.49 -4.12
C VAL A 106 9.75 -25.76 -4.27
N PRO A 107 9.16 -26.66 -3.48
CA PRO A 107 7.71 -26.81 -3.49
C PRO A 107 7.08 -25.59 -2.84
N ALA A 108 5.90 -25.22 -3.33
CA ALA A 108 5.28 -23.98 -2.90
C ALA A 108 4.80 -24.08 -1.45
N ARG A 109 4.20 -25.21 -1.08
CA ARG A 109 3.65 -25.35 0.26
C ARG A 109 4.72 -25.30 1.34
N SER A 110 5.96 -25.68 1.00
CA SER A 110 7.05 -25.54 1.96
C SER A 110 7.44 -24.09 2.20
N LEU A 111 6.91 -23.14 1.43
CA LEU A 111 7.08 -21.72 1.70
C LEU A 111 5.93 -21.16 2.53
N ALA A 112 5.06 -22.02 3.05
CA ALA A 112 3.85 -21.55 3.71
C ALA A 112 4.19 -20.68 4.91
N ARG A 113 3.75 -19.41 4.85
CA ARG A 113 3.84 -18.47 5.96
C ARG A 113 5.27 -18.34 6.49
N LYS A 114 6.27 -18.48 5.62
CA LYS A 114 7.62 -18.19 6.04
C LYS A 114 7.79 -16.69 6.27
N SER A 115 8.88 -16.33 6.93
CA SER A 115 9.24 -14.94 7.15
C SER A 115 10.01 -14.40 5.96
N VAL A 116 9.74 -13.14 5.63
CA VAL A 116 10.32 -12.46 4.49
C VAL A 116 11.17 -11.32 5.04
N VAL A 117 12.43 -11.24 4.59
CA VAL A 117 13.37 -10.25 5.13
C VAL A 117 14.08 -9.52 3.99
N LEU A 118 14.55 -8.31 4.29
CA LEU A 118 15.31 -7.52 3.32
C LEU A 118 16.78 -7.93 3.27
N THR A 119 17.56 -7.19 2.45
CA THR A 119 18.99 -7.46 2.31
C THR A 119 19.77 -7.10 3.56
N ASP A 120 19.31 -6.10 4.32
CA ASP A 120 19.98 -5.64 5.52
C ASP A 120 19.63 -6.49 6.74
N GLY A 121 18.39 -6.95 6.85
CA GLY A 121 17.97 -7.81 7.94
C GLY A 121 16.58 -7.50 8.46
N THR A 122 16.00 -6.40 8.01
CA THR A 122 14.62 -6.03 8.35
C THR A 122 13.67 -7.19 8.13
N VAL A 123 12.77 -7.41 9.10
CA VAL A 123 11.72 -8.43 8.97
C VAL A 123 10.52 -7.80 8.27
N VAL A 124 10.25 -8.25 7.04
CA VAL A 124 9.21 -7.63 6.22
C VAL A 124 7.83 -8.18 6.57
N GLY A 125 7.73 -9.48 6.79
CA GLY A 125 6.47 -10.07 7.19
C GLY A 125 6.49 -11.57 6.97
N THR A 126 5.30 -12.14 6.89
CA THR A 126 5.13 -13.55 6.57
C THR A 126 4.45 -13.68 5.22
N LEU A 127 4.98 -14.59 4.40
CA LEU A 127 4.42 -14.84 3.07
C LEU A 127 2.96 -15.26 3.16
N TYR A 128 2.11 -14.59 2.40
CA TYR A 128 0.70 -14.97 2.36
C TYR A 128 0.33 -15.80 1.14
N ASN A 129 0.82 -15.41 -0.04
CA ASN A 129 0.44 -16.11 -1.25
C ASN A 129 1.41 -15.72 -2.35
N ILE A 130 1.24 -16.32 -3.52
CA ILE A 130 2.14 -16.12 -4.65
C ILE A 130 1.29 -15.93 -5.89
N THR A 131 1.55 -14.86 -6.63
CA THR A 131 0.84 -14.58 -7.87
C THR A 131 1.59 -15.19 -9.05
N VAL A 132 0.86 -15.92 -9.91
CA VAL A 132 1.47 -16.59 -11.05
C VAL A 132 0.58 -16.44 -12.28
N ASP A 133 1.22 -16.49 -13.45
CA ASP A 133 0.52 -16.58 -14.74
C ASP A 133 0.30 -18.05 -15.10
N PHE A 134 -0.96 -18.44 -15.29
CA PHE A 134 -1.27 -19.86 -15.45
C PHE A 134 -0.88 -20.39 -16.83
N LYS A 135 -0.97 -19.56 -17.87
CA LYS A 135 -0.57 -20.01 -19.20
C LYS A 135 0.94 -20.06 -19.30
N THR A 136 1.59 -18.95 -18.97
CA THR A 136 3.03 -18.83 -19.09
C THR A 136 3.76 -19.64 -18.03
N GLY A 137 3.19 -19.74 -16.83
CA GLY A 137 3.94 -20.30 -15.72
C GLY A 137 4.92 -19.35 -15.05
N THR A 138 4.96 -18.09 -15.46
CA THR A 138 5.82 -17.11 -14.80
C THR A 138 5.28 -16.78 -13.42
N ILE A 139 6.19 -16.74 -12.44
CA ILE A 139 5.89 -16.17 -11.13
C ILE A 139 5.94 -14.65 -11.23
N VAL A 140 4.89 -13.98 -10.74
CA VAL A 140 4.77 -12.52 -10.91
C VAL A 140 5.12 -11.79 -9.59
N ASN A 141 4.38 -12.07 -8.51
CA ASN A 141 4.53 -11.32 -7.27
C ASN A 141 4.71 -12.26 -6.08
N LEU A 142 5.18 -11.70 -4.99
CA LEU A 142 4.93 -12.25 -3.67
C LEU A 142 3.86 -11.40 -3.01
N LEU A 143 3.07 -12.01 -2.13
CA LEU A 143 2.12 -11.26 -1.31
C LEU A 143 2.49 -11.54 0.14
N VAL A 144 2.97 -10.51 0.84
CA VAL A 144 3.51 -10.67 2.18
C VAL A 144 2.60 -9.97 3.18
N LYS A 145 2.15 -10.72 4.17
CA LYS A 145 1.48 -10.16 5.35
C LYS A 145 2.46 -9.25 6.09
N PRO A 146 2.17 -7.95 6.21
CA PRO A 146 3.18 -7.01 6.73
C PRO A 146 3.41 -7.13 8.23
N GLU A 147 4.62 -6.80 8.65
CA GLU A 147 4.95 -6.72 10.06
C GLU A 147 5.67 -5.40 10.37
N ASN A 148 6.49 -4.91 9.45
CA ASN A 148 7.13 -3.61 9.57
C ASN A 148 6.60 -2.68 8.48
N GLU A 149 7.20 -1.49 8.39
CA GLU A 149 6.75 -0.46 7.45
C GLU A 149 7.94 -0.11 6.57
N ILE A 150 8.14 -0.91 5.53
CA ILE A 150 9.11 -0.58 4.50
C ILE A 150 8.40 0.22 3.43
N PRO A 151 8.91 1.38 3.04
CA PRO A 151 8.32 2.12 1.92
C PRO A 151 8.70 1.59 0.54
N ASP A 152 9.56 0.57 0.46
CA ASP A 152 10.08 0.09 -0.82
C ASP A 152 9.07 -0.76 -1.60
N PHE A 153 7.97 -1.20 -0.99
CA PHE A 153 7.00 -2.05 -1.68
C PHE A 153 5.61 -1.44 -1.57
N LYS A 154 4.92 -1.34 -2.70
CA LYS A 154 3.55 -0.85 -2.71
C LYS A 154 2.61 -1.88 -2.08
N LYS A 155 1.36 -1.47 -1.89
CA LYS A 155 0.40 -2.25 -1.12
C LYS A 155 -0.91 -2.38 -1.87
N GLU A 156 -1.62 -3.47 -1.60
CA GLU A 156 -2.98 -3.69 -2.11
C GLU A 156 -3.66 -4.68 -1.17
N GLU A 157 -4.89 -4.38 -0.74
CA GLU A 157 -5.59 -5.19 0.25
C GLU A 157 -4.72 -5.47 1.47
N GLY A 158 -3.84 -4.54 1.81
CA GLY A 158 -3.04 -4.66 3.02
C GLY A 158 -1.94 -5.70 2.96
N LEU A 159 -1.45 -6.03 1.77
CA LEU A 159 -0.32 -6.93 1.61
C LEU A 159 0.77 -6.24 0.80
N TYR A 160 2.03 -6.56 1.09
CA TYR A 160 3.12 -6.10 0.26
C TYR A 160 3.14 -6.83 -1.08
N ILE A 161 3.27 -6.07 -2.15
CA ILE A 161 3.37 -6.61 -3.51
C ILE A 161 4.84 -6.57 -3.88
N ILE A 162 5.53 -7.69 -3.67
CA ILE A 162 6.96 -7.79 -3.97
C ILE A 162 7.11 -8.45 -5.34
N PRO A 163 7.52 -7.72 -6.38
CA PRO A 163 7.84 -8.35 -7.66
C PRO A 163 8.86 -9.47 -7.49
N PHE A 164 8.61 -10.60 -8.14
CA PHE A 164 9.49 -11.74 -7.95
C PHE A 164 10.88 -11.48 -8.53
N GLU A 165 11.00 -10.50 -9.43
CA GLU A 165 12.29 -10.03 -9.91
C GLU A 165 13.25 -9.70 -8.77
N CYS A 166 12.73 -9.25 -7.63
CA CYS A 166 13.51 -8.74 -6.51
C CYS A 166 13.88 -9.81 -5.50
N VAL A 167 13.41 -11.03 -5.65
CA VAL A 167 13.73 -12.13 -4.74
C VAL A 167 15.11 -12.64 -5.05
N ARG A 168 15.91 -12.88 -4.02
CA ARG A 168 17.29 -13.29 -4.22
C ARG A 168 17.62 -14.64 -3.62
N SER A 169 16.80 -15.15 -2.71
CA SER A 169 16.91 -16.54 -2.29
C SER A 169 15.63 -16.95 -1.59
N LEU A 170 15.48 -18.24 -1.38
CA LEU A 170 14.26 -18.81 -0.85
C LEU A 170 14.59 -20.02 0.02
N LYS A 171 15.62 -19.90 0.86
CA LYS A 171 15.86 -21.01 1.78
C LYS A 171 15.07 -20.81 3.07
N ASP A 172 15.70 -20.88 4.24
CA ASP A 172 14.88 -20.85 5.45
C ASP A 172 14.26 -19.49 5.69
N PHE A 173 14.83 -18.43 5.10
CA PHE A 173 14.23 -17.10 5.13
C PHE A 173 14.11 -16.60 3.70
N ILE A 174 12.92 -16.14 3.34
CA ILE A 174 12.75 -15.49 2.04
C ILE A 174 13.46 -14.16 2.05
N VAL A 175 14.39 -13.97 1.14
CA VAL A 175 15.27 -12.80 1.11
C VAL A 175 14.93 -11.96 -0.11
N VAL A 176 14.81 -10.64 0.09
CA VAL A 176 14.22 -9.74 -0.89
C VAL A 176 15.01 -8.45 -0.93
N ASP A 177 15.12 -7.86 -2.11
CA ASP A 177 15.84 -6.61 -2.27
C ASP A 177 14.92 -5.56 -2.89
N ARG A 178 15.34 -4.29 -2.79
CA ARG A 178 14.52 -3.20 -3.30
C ARG A 178 14.51 -3.18 -4.83
N ARG A 179 15.55 -3.71 -5.48
CA ARG A 179 15.58 -3.78 -6.94
C ARG A 179 15.93 -5.19 -7.43
N MET B 1 -5.47 -5.26 -9.92
CA MET B 1 -4.01 -5.13 -9.85
C MET B 1 -3.25 -5.29 -11.17
N ILE B 2 -3.53 -6.36 -11.92
CA ILE B 2 -2.86 -6.63 -13.20
C ILE B 2 -3.90 -6.64 -14.32
N GLY B 3 -3.57 -5.99 -15.42
CA GLY B 3 -4.54 -5.84 -16.49
C GLY B 3 -3.93 -5.21 -17.72
N GLU B 4 -4.78 -4.91 -18.69
CA GLU B 4 -4.30 -4.43 -19.97
C GLU B 4 -3.86 -2.97 -19.88
N ILE B 5 -2.83 -2.63 -20.64
CA ILE B 5 -2.29 -1.28 -20.55
C ILE B 5 -3.26 -0.26 -21.10
N THR B 6 -4.19 -0.68 -21.96
CA THR B 6 -5.12 0.27 -22.58
C THR B 6 -6.05 0.92 -21.56
N THR B 7 -6.32 0.27 -20.42
CA THR B 7 -7.27 0.83 -19.45
C THR B 7 -6.80 2.17 -18.89
N PHE B 8 -5.50 2.49 -18.97
CA PHE B 8 -5.02 3.81 -18.57
C PHE B 8 -5.64 4.91 -19.42
N PHE B 9 -5.86 4.63 -20.70
CA PHE B 9 -6.12 5.71 -21.66
C PHE B 9 -7.40 6.44 -21.28
N GLY B 10 -7.31 7.76 -21.22
CA GLY B 10 -8.46 8.59 -20.90
C GLY B 10 -8.87 8.61 -19.44
N MET B 11 -8.17 7.89 -18.56
CA MET B 11 -8.50 7.99 -17.15
C MET B 11 -8.12 9.34 -16.59
N ARG B 12 -8.79 9.71 -15.51
CA ARG B 12 -8.59 10.98 -14.82
C ARG B 12 -7.59 10.80 -13.70
N VAL B 13 -6.69 11.79 -13.57
CA VAL B 13 -5.63 11.76 -12.59
C VAL B 13 -5.90 12.83 -11.54
N PHE B 14 -5.79 12.46 -10.27
CA PHE B 14 -6.00 13.33 -9.12
C PHE B 14 -4.81 13.17 -8.16
N THR B 15 -4.51 14.22 -7.40
CA THR B 15 -3.49 14.06 -6.37
C THR B 15 -4.09 13.46 -5.12
N ASP B 16 -3.23 13.07 -4.19
CA ASP B 16 -3.72 12.51 -2.94
C ASP B 16 -4.21 13.57 -1.96
N GLU B 17 -4.23 14.85 -2.38
CA GLU B 17 -4.97 15.90 -1.71
C GLU B 17 -6.24 16.29 -2.45
N GLY B 18 -6.72 15.43 -3.34
CA GLY B 18 -7.99 15.64 -4.01
C GLY B 18 -7.99 16.63 -5.16
N ARG B 19 -6.83 17.02 -5.68
CA ARG B 19 -6.80 18.04 -6.73
C ARG B 19 -6.67 17.38 -8.11
N TYR B 20 -7.38 17.92 -9.10
CA TYR B 20 -7.43 17.34 -10.45
C TYR B 20 -6.18 17.70 -11.24
N VAL B 21 -5.58 16.70 -11.89
CA VAL B 21 -4.35 16.89 -12.64
C VAL B 21 -4.58 16.86 -14.15
N GLY B 22 -5.31 15.87 -14.65
CA GLY B 22 -5.55 15.78 -16.07
C GLY B 22 -6.03 14.40 -16.46
N ARG B 23 -6.07 14.17 -17.76
CA ARG B 23 -6.47 12.88 -18.32
C ARG B 23 -5.25 12.22 -18.95
N VAL B 24 -5.17 10.89 -18.83
CA VAL B 24 -4.04 10.15 -19.37
C VAL B 24 -4.20 10.01 -20.87
N GLU B 25 -3.16 10.38 -21.59
CA GLU B 25 -3.13 10.32 -23.05
C GLU B 25 -2.35 9.13 -23.55
N ASP B 26 -1.27 8.78 -22.85
CA ASP B 26 -0.42 7.69 -23.25
C ASP B 26 0.42 7.25 -22.04
N VAL B 27 1.03 6.08 -22.17
CA VAL B 27 1.84 5.48 -21.11
C VAL B 27 3.24 5.28 -21.66
N ILE B 28 4.25 5.60 -20.86
CA ILE B 28 5.64 5.51 -21.33
C ILE B 28 6.28 4.28 -20.71
N LEU B 29 6.90 3.47 -21.54
CA LEU B 29 7.45 2.18 -21.12
C LEU B 29 8.96 2.23 -21.13
N ASP B 30 9.59 1.46 -20.23
CA ASP B 30 11.05 1.31 -20.18
C ASP B 30 11.38 -0.15 -20.49
N GLN B 31 11.85 -0.42 -21.71
CA GLN B 31 12.15 -1.81 -22.06
C GLN B 31 13.26 -2.38 -21.18
N ASN B 32 14.21 -1.55 -20.76
CA ASN B 32 15.36 -2.02 -20.00
C ASN B 32 14.95 -2.52 -18.62
N THR B 33 14.18 -1.74 -17.88
CA THR B 33 13.75 -2.12 -16.55
C THR B 33 12.41 -2.83 -16.53
N LYS B 34 11.78 -3.05 -17.69
CA LYS B 34 10.56 -3.84 -17.79
C LYS B 34 9.42 -3.23 -16.96
N SER B 35 9.35 -1.90 -16.95
CA SER B 35 8.33 -1.23 -16.15
C SER B 35 7.85 0.03 -16.86
N ILE B 36 6.71 0.50 -16.39
CA ILE B 36 6.16 1.77 -16.88
C ILE B 36 7.01 2.90 -16.34
N ARG B 37 7.46 3.77 -17.22
CA ARG B 37 8.25 4.88 -16.71
C ARG B 37 7.40 6.06 -16.29
N GLY B 38 6.32 6.33 -17.02
CA GLY B 38 5.48 7.44 -16.60
C GLY B 38 4.22 7.50 -17.43
N LEU B 39 3.40 8.51 -17.10
CA LEU B 39 2.12 8.74 -17.75
C LEU B 39 2.15 10.05 -18.50
N ALA B 40 1.72 10.02 -19.76
CA ALA B 40 1.54 11.23 -20.55
C ALA B 40 0.14 11.77 -20.32
N ILE B 41 0.05 13.02 -19.87
CA ILE B 41 -1.19 13.64 -19.43
C ILE B 41 -1.48 14.86 -20.30
N SER B 42 -2.75 15.02 -20.67
CA SER B 42 -3.21 16.17 -21.45
C SER B 42 -4.49 16.72 -20.82
N ASP B 43 -4.96 17.86 -21.32
CA ASP B 43 -6.10 18.58 -20.74
C ASP B 43 -5.89 18.75 -19.25
N TYR B 44 -4.77 19.37 -18.94
CA TYR B 44 -4.13 19.27 -17.66
C TYR B 44 -4.35 20.59 -16.91
N ASN B 45 -4.32 20.51 -15.59
CA ASN B 45 -4.83 21.62 -14.78
C ASN B 45 -3.82 22.76 -14.75
N LYS B 46 -4.10 23.82 -15.52
CA LYS B 46 -3.22 24.99 -15.59
C LYS B 46 -2.99 25.65 -14.24
N ALA B 47 -3.90 25.44 -13.27
CA ALA B 47 -3.69 25.97 -11.94
C ALA B 47 -2.51 25.31 -11.22
N LEU B 48 -2.17 24.06 -11.56
CA LEU B 48 -1.11 23.33 -10.89
C LEU B 48 0.20 23.30 -11.67
N ILE B 49 0.17 23.61 -12.96
CA ILE B 49 1.29 23.39 -13.85
C ILE B 49 1.48 24.64 -14.67
N ASP B 50 2.65 25.25 -14.57
CA ASP B 50 3.00 26.32 -15.51
C ASP B 50 3.80 25.70 -16.64
N SER B 51 3.15 25.52 -17.77
CA SER B 51 3.83 24.95 -18.91
C SER B 51 3.08 25.37 -20.16
N HIS B 52 3.84 25.51 -21.24
CA HIS B 52 3.28 25.71 -22.57
C HIS B 52 3.07 24.41 -23.32
N ALA B 53 3.65 23.31 -22.85
CA ALA B 53 3.57 22.05 -23.58
C ALA B 53 2.13 21.55 -23.64
N LYS B 54 1.80 20.90 -24.76
CA LYS B 54 0.46 20.36 -24.92
C LYS B 54 0.20 19.24 -23.93
N GLY B 55 1.23 18.48 -23.60
CA GLY B 55 1.10 17.42 -22.63
C GLY B 55 2.33 17.37 -21.74
N VAL B 56 2.15 16.77 -20.56
CA VAL B 56 3.23 16.59 -19.61
C VAL B 56 3.32 15.14 -19.22
N ILE B 57 4.51 14.74 -18.79
CA ILE B 57 4.77 13.37 -18.38
C ILE B 57 5.06 13.37 -16.89
N ILE B 58 4.38 12.49 -16.18
CA ILE B 58 4.51 12.31 -14.73
C ILE B 58 5.22 10.99 -14.47
N PRO B 59 6.23 10.95 -13.60
CA PRO B 59 6.90 9.68 -13.30
C PRO B 59 5.95 8.67 -12.70
N TYR B 60 6.13 7.40 -13.05
CA TYR B 60 5.18 6.42 -12.55
C TYR B 60 5.36 6.19 -11.06
N ARG B 61 6.56 6.43 -10.53
CA ARG B 61 6.80 6.15 -9.12
C ARG B 61 6.02 7.06 -8.18
N VAL B 62 5.37 8.12 -8.66
CA VAL B 62 4.51 8.90 -7.76
C VAL B 62 3.07 8.46 -7.83
N VAL B 63 2.75 7.42 -8.60
CA VAL B 63 1.40 6.88 -8.62
C VAL B 63 1.16 6.05 -7.37
N LYS B 64 0.03 6.30 -6.71
CA LYS B 64 -0.36 5.56 -5.52
C LYS B 64 -1.45 4.53 -5.78
N ALA B 65 -2.32 4.77 -6.74
CA ALA B 65 -3.47 3.89 -6.91
C ALA B 65 -4.02 4.07 -8.30
N VAL B 66 -4.45 2.96 -8.91
CA VAL B 66 -5.13 2.98 -10.18
C VAL B 66 -6.43 2.24 -9.99
N GLY B 67 -7.55 2.95 -10.11
CA GLY B 67 -8.85 2.32 -9.95
C GLY B 67 -9.88 2.92 -10.89
N ASP B 68 -10.89 3.56 -10.33
CA ASP B 68 -11.76 4.37 -11.16
C ASP B 68 -11.04 5.64 -11.58
N ILE B 69 -10.16 6.14 -10.73
CA ILE B 69 -9.26 7.24 -11.06
C ILE B 69 -7.85 6.81 -10.70
N ILE B 70 -6.89 7.60 -11.15
CA ILE B 70 -5.51 7.46 -10.74
C ILE B 70 -5.25 8.48 -9.66
N ILE B 71 -4.61 8.06 -8.58
CA ILE B 71 -4.14 8.97 -7.54
C ILE B 71 -2.62 9.01 -7.59
N ILE B 72 -2.06 10.21 -7.57
CA ILE B 72 -0.62 10.43 -7.53
C ILE B 72 -0.28 11.30 -6.33
N LYS B 73 0.97 11.21 -5.89
CA LYS B 73 1.44 12.11 -4.85
C LYS B 73 1.32 13.55 -5.33
N ASP B 74 0.85 14.43 -4.44
CA ASP B 74 0.64 15.83 -4.80
C ASP B 74 1.98 16.53 -4.81
N LEU B 75 2.60 16.63 -5.97
CA LEU B 75 3.89 17.29 -6.05
C LEU B 75 3.77 18.73 -6.52
N PHE B 76 2.56 19.27 -6.59
CA PHE B 76 2.37 20.59 -7.17
C PHE B 76 2.31 21.65 -6.07
N LYS B 77 3.48 21.90 -5.50
CA LYS B 77 3.60 22.80 -4.37
C LYS B 77 4.90 23.57 -4.52
N ARG B 78 4.98 24.69 -3.82
CA ARG B 78 6.24 25.42 -3.67
C ARG B 78 6.84 25.06 -2.33
N LYS B 79 8.06 24.53 -2.37
CA LYS B 79 8.81 24.33 -1.15
C LYS B 79 9.44 25.65 -0.73
N SER B 80 9.61 25.82 0.57
CA SER B 80 10.19 27.04 1.10
C SER B 80 11.67 26.83 1.46
N ARG B 81 12.46 27.90 1.33
CA ARG B 81 13.88 27.88 1.67
C ARG B 81 14.09 28.49 3.05
N VAL B 82 15.08 27.97 3.77
CA VAL B 82 15.31 28.39 5.15
C VAL B 82 16.08 29.71 5.17
N LEU B 83 15.75 30.57 6.13
CA LEU B 83 16.49 31.80 6.37
C LEU B 83 17.41 31.67 7.57
N ASP B 84 18.37 32.58 7.64
CA ASP B 84 19.46 32.46 8.59
C ASP B 84 19.02 32.79 10.00
N TYR B 85 18.24 33.84 10.15
CA TYR B 85 17.81 34.27 11.47
C TYR B 85 16.33 34.19 11.68
N GLU B 86 15.54 34.32 10.62
CA GLU B 86 14.11 34.05 10.73
C GLU B 86 13.86 32.57 11.01
N SER B 87 12.88 32.31 11.88
CA SER B 87 12.33 30.97 12.01
C SER B 87 11.37 30.64 10.88
N ARG B 88 10.89 31.65 10.17
CA ARG B 88 10.03 31.46 9.02
C ARG B 88 10.88 31.14 7.79
N GLU B 89 10.23 30.68 6.73
CA GLU B 89 10.92 30.28 5.51
C GLU B 89 10.40 31.07 4.31
N LEU B 90 11.28 31.32 3.36
CA LEU B 90 10.98 32.15 2.20
C LEU B 90 10.35 31.31 1.10
N ILE B 91 9.46 31.93 0.33
CA ILE B 91 8.92 31.33 -0.86
C ILE B 91 9.17 32.27 -2.02
N GLU B 92 9.63 31.73 -3.13
CA GLU B 92 10.16 32.58 -4.18
C GLU B 92 9.78 32.06 -5.55
N MET B 104 12.98 4.37 -20.67
CA MET B 104 12.64 5.79 -20.69
C MET B 104 12.01 6.34 -21.96
N TYR B 105 11.58 5.48 -22.90
CA TYR B 105 11.84 5.85 -24.28
C TYR B 105 10.87 5.26 -25.31
N VAL B 106 9.73 4.68 -24.90
CA VAL B 106 8.72 4.19 -25.82
C VAL B 106 7.33 4.61 -25.32
N PRO B 107 6.63 5.50 -26.02
CA PRO B 107 5.19 5.68 -25.74
C PRO B 107 4.41 4.43 -26.16
N ALA B 108 3.53 3.96 -25.28
CA ALA B 108 2.84 2.69 -25.55
C ALA B 108 2.01 2.74 -26.83
N ARG B 109 1.40 3.88 -27.14
CA ARG B 109 0.63 3.97 -28.37
C ARG B 109 1.48 3.87 -29.62
N SER B 110 2.77 4.16 -29.54
CA SER B 110 3.62 3.93 -30.69
C SER B 110 3.83 2.46 -30.99
N LEU B 111 3.45 1.55 -30.10
CA LEU B 111 3.66 0.14 -30.34
C LEU B 111 2.47 -0.51 -31.02
N ALA B 112 1.38 0.23 -31.20
CA ALA B 112 0.11 -0.34 -31.63
C ALA B 112 0.28 -1.18 -32.88
N ARG B 113 -0.13 -2.44 -32.80
CA ARG B 113 -0.17 -3.33 -33.97
C ARG B 113 1.19 -3.57 -34.62
N LYS B 114 2.30 -3.29 -33.94
CA LYS B 114 3.59 -3.62 -34.54
C LYS B 114 3.74 -5.12 -34.71
N SER B 115 4.61 -5.50 -35.64
CA SER B 115 4.89 -6.90 -35.89
C SER B 115 5.87 -7.42 -34.86
N VAL B 116 5.68 -8.66 -34.44
CA VAL B 116 6.51 -9.32 -33.45
C VAL B 116 7.26 -10.44 -34.16
N VAL B 117 8.58 -10.46 -33.99
CA VAL B 117 9.43 -11.46 -34.62
C VAL B 117 10.38 -12.04 -33.58
N LEU B 118 10.64 -13.34 -33.71
CA LEU B 118 11.68 -13.97 -32.91
C LEU B 118 13.04 -13.38 -33.26
N THR B 119 14.01 -13.71 -32.43
CA THR B 119 15.31 -13.11 -32.57
C THR B 119 16.06 -13.60 -33.81
N ASP B 120 15.63 -14.74 -34.39
CA ASP B 120 16.25 -15.28 -35.60
C ASP B 120 15.48 -14.91 -36.87
N GLY B 121 14.44 -14.10 -36.77
CA GLY B 121 13.72 -13.64 -37.93
C GLY B 121 12.45 -14.40 -38.26
N THR B 122 11.99 -15.26 -37.36
CA THR B 122 10.70 -15.92 -37.49
C THR B 122 9.60 -14.94 -37.12
N VAL B 123 8.62 -14.77 -38.01
CA VAL B 123 7.46 -13.94 -37.69
C VAL B 123 6.66 -14.60 -36.57
N VAL B 124 6.17 -13.79 -35.65
CA VAL B 124 5.25 -14.26 -34.61
C VAL B 124 3.84 -13.74 -34.86
N GLY B 125 3.69 -12.45 -35.10
CA GLY B 125 2.36 -11.92 -35.35
C GLY B 125 2.29 -10.42 -35.06
N THR B 126 1.08 -9.97 -34.75
CA THR B 126 0.77 -8.55 -34.55
C THR B 126 0.44 -8.30 -33.09
N LEU B 127 1.00 -7.21 -32.54
CA LEU B 127 0.72 -6.85 -31.16
C LEU B 127 -0.75 -6.52 -30.99
N TYR B 128 -1.40 -7.21 -30.06
CA TYR B 128 -2.77 -6.88 -29.70
C TYR B 128 -2.84 -6.00 -28.46
N ASN B 129 -2.08 -6.31 -27.41
CA ASN B 129 -2.14 -5.49 -26.20
C ASN B 129 -0.95 -5.85 -25.31
N ILE B 130 -0.84 -5.15 -24.18
CA ILE B 130 0.25 -5.33 -23.22
C ILE B 130 -0.37 -5.46 -21.84
N THR B 131 0.14 -6.39 -21.05
CA THR B 131 -0.33 -6.64 -19.70
C THR B 131 0.61 -5.95 -18.72
N VAL B 132 0.06 -5.16 -17.79
CA VAL B 132 0.88 -4.48 -16.79
C VAL B 132 0.35 -4.74 -15.39
N ASP B 133 1.24 -4.60 -14.42
CA ASP B 133 0.91 -4.64 -12.99
C ASP B 133 0.78 -3.20 -12.48
N PHE B 134 -0.44 -2.80 -12.10
CA PHE B 134 -0.70 -1.38 -11.82
C PHE B 134 -0.03 -0.92 -10.53
N LYS B 135 -0.04 -1.74 -9.48
CA LYS B 135 0.59 -1.35 -8.23
C LYS B 135 2.11 -1.30 -8.36
N THR B 136 2.67 -2.13 -9.22
CA THR B 136 4.11 -2.32 -9.28
C THR B 136 4.76 -1.53 -10.40
N GLY B 137 4.03 -1.24 -11.47
CA GLY B 137 4.62 -0.69 -12.66
C GLY B 137 5.23 -1.71 -13.60
N THR B 138 5.26 -2.99 -13.23
CA THR B 138 5.90 -4.01 -14.05
C THR B 138 5.07 -4.32 -15.29
N ILE B 139 5.74 -4.39 -16.45
CA ILE B 139 5.13 -4.98 -17.63
C ILE B 139 5.23 -6.50 -17.51
N VAL B 140 4.10 -7.18 -17.67
CA VAL B 140 4.06 -8.62 -17.43
C VAL B 140 4.13 -9.39 -18.75
N ASN B 141 3.16 -9.19 -19.65
CA ASN B 141 3.05 -9.94 -20.91
C ASN B 141 3.00 -9.00 -22.10
N LEU B 142 3.21 -9.59 -23.28
CA LEU B 142 2.67 -9.09 -24.53
C LEU B 142 1.56 -10.02 -24.99
N LEU B 143 0.56 -9.46 -25.66
CA LEU B 143 -0.49 -10.28 -26.24
C LEU B 143 -0.45 -10.08 -27.74
N VAL B 144 -0.36 -11.16 -28.51
CA VAL B 144 0.00 -11.07 -29.92
C VAL B 144 -0.94 -11.93 -30.76
N LYS B 145 -1.48 -11.34 -31.83
CA LYS B 145 -2.32 -12.08 -32.81
C LYS B 145 -1.41 -12.98 -33.63
N PRO B 146 -1.64 -14.29 -33.65
CA PRO B 146 -0.75 -15.18 -34.42
C PRO B 146 -0.79 -14.88 -35.91
N GLU B 147 0.38 -14.71 -36.51
CA GLU B 147 0.55 -14.76 -37.95
C GLU B 147 1.33 -15.99 -38.40
N ASN B 148 1.51 -16.98 -37.52
CA ASN B 148 2.39 -18.12 -37.77
C ASN B 148 2.31 -19.05 -36.57
N GLU B 149 2.34 -20.37 -36.78
CA GLU B 149 2.18 -21.28 -35.64
C GLU B 149 3.56 -21.57 -35.08
N ILE B 150 3.79 -21.16 -33.84
CA ILE B 150 5.07 -21.34 -33.16
C ILE B 150 4.78 -22.08 -31.87
N PRO B 151 5.61 -23.06 -31.47
CA PRO B 151 5.39 -23.72 -30.19
C PRO B 151 5.98 -22.98 -29.01
N ASP B 152 6.71 -21.89 -29.25
CA ASP B 152 7.49 -21.25 -28.20
C ASP B 152 6.62 -20.52 -27.18
N PHE B 153 5.35 -20.23 -27.51
CA PHE B 153 4.49 -19.47 -26.62
C PHE B 153 3.11 -20.12 -26.54
N LYS B 154 2.52 -20.11 -25.34
CA LYS B 154 1.18 -20.63 -25.20
C LYS B 154 0.15 -19.55 -25.55
N LYS B 155 -1.11 -19.97 -25.66
CA LYS B 155 -2.20 -19.17 -26.21
C LYS B 155 -3.34 -19.05 -25.23
N GLU B 156 -3.96 -17.86 -25.20
CA GLU B 156 -5.22 -17.66 -24.52
C GLU B 156 -6.14 -16.85 -25.42
N GLU B 157 -7.35 -17.35 -25.67
CA GLU B 157 -8.30 -16.69 -26.58
C GLU B 157 -7.66 -16.47 -27.95
N GLY B 158 -6.86 -17.45 -28.37
CA GLY B 158 -6.19 -17.43 -29.65
C GLY B 158 -5.03 -16.46 -29.78
N LEU B 159 -4.56 -15.85 -28.70
CA LEU B 159 -3.44 -14.91 -28.74
C LEU B 159 -2.21 -15.52 -28.09
N TYR B 160 -1.04 -15.24 -28.64
CA TYR B 160 0.19 -15.67 -27.98
C TYR B 160 0.47 -14.81 -26.76
N ILE B 161 0.96 -15.45 -25.71
CA ILE B 161 1.31 -14.79 -24.47
C ILE B 161 2.81 -14.86 -24.35
N ILE B 162 3.45 -13.70 -24.46
CA ILE B 162 4.91 -13.62 -24.46
C ILE B 162 5.33 -12.88 -23.19
N PRO B 163 5.95 -13.55 -22.22
CA PRO B 163 6.48 -12.85 -21.04
C PRO B 163 7.38 -11.71 -21.46
N PHE B 164 7.20 -10.55 -20.84
CA PHE B 164 7.96 -9.39 -21.29
C PHE B 164 9.45 -9.57 -21.04
N GLU B 165 9.82 -10.46 -20.11
CA GLU B 165 11.21 -10.89 -19.96
C GLU B 165 11.84 -11.26 -21.30
N CYS B 166 11.05 -11.81 -22.22
CA CYS B 166 11.57 -12.29 -23.49
C CYS B 166 11.75 -11.17 -24.51
N VAL B 167 11.33 -9.96 -24.21
CA VAL B 167 11.43 -8.89 -25.20
C VAL B 167 12.86 -8.36 -25.22
N ARG B 168 13.43 -8.28 -26.40
CA ARG B 168 14.80 -7.80 -26.56
C ARG B 168 14.85 -6.37 -27.07
N SER B 169 13.86 -5.93 -27.84
CA SER B 169 14.04 -4.66 -28.51
C SER B 169 12.70 -4.20 -29.08
N LEU B 170 12.54 -2.87 -29.14
CA LEU B 170 11.28 -2.24 -29.50
C LEU B 170 11.58 -1.14 -30.52
N LYS B 171 11.95 -1.52 -31.72
CA LYS B 171 12.29 -0.58 -32.79
C LYS B 171 11.19 -0.60 -33.82
N ASP B 172 11.47 -0.72 -35.13
CA ASP B 172 10.40 -0.94 -36.08
C ASP B 172 9.64 -2.22 -35.74
N PHE B 173 10.35 -3.29 -35.46
CA PHE B 173 9.76 -4.55 -35.03
C PHE B 173 9.98 -4.76 -33.55
N ILE B 174 9.10 -5.53 -32.95
CA ILE B 174 9.28 -6.01 -31.60
C ILE B 174 9.99 -7.33 -31.71
N VAL B 175 11.20 -7.40 -31.13
CA VAL B 175 12.04 -8.58 -31.22
C VAL B 175 11.97 -9.33 -29.90
N VAL B 176 11.72 -10.64 -29.97
CA VAL B 176 11.56 -11.49 -28.79
C VAL B 176 12.46 -12.72 -28.93
N ASP B 177 12.79 -13.32 -27.79
CA ASP B 177 13.61 -14.52 -27.72
C ASP B 177 12.74 -15.73 -27.37
N ARG B 178 13.34 -16.93 -27.47
CA ARG B 178 12.70 -18.15 -26.95
C ARG B 178 12.36 -17.99 -25.47
N ARG B 179 13.39 -17.85 -24.64
CA ARG B 179 13.20 -17.46 -23.23
C ARG B 179 13.66 -16.01 -23.04
N MET C 1 2.09 3.54 31.74
CA MET C 1 1.95 4.07 30.40
C MET C 1 3.30 4.54 29.84
N ILE C 2 3.76 5.73 30.22
CA ILE C 2 4.84 6.42 29.53
C ILE C 2 6.06 6.49 30.43
N GLY C 3 7.18 6.03 29.91
CA GLY C 3 8.38 6.00 30.72
C GLY C 3 9.62 6.00 29.86
N GLU C 4 10.76 5.69 30.46
CA GLU C 4 12.03 5.80 29.77
C GLU C 4 12.48 4.43 29.26
N ILE C 5 13.14 4.45 28.10
CA ILE C 5 13.52 3.22 27.42
C ILE C 5 14.45 2.40 28.30
N THR C 6 15.25 3.07 29.12
CA THR C 6 16.27 2.39 29.90
C THR C 6 15.68 1.44 30.93
N THR C 7 14.43 1.64 31.31
CA THR C 7 13.84 0.73 32.27
C THR C 7 13.68 -0.69 31.70
N PHE C 8 13.65 -0.87 30.38
CA PHE C 8 13.56 -2.23 29.83
C PHE C 8 14.79 -3.07 30.17
N PHE C 9 15.96 -2.44 30.28
CA PHE C 9 17.20 -3.19 30.28
C PHE C 9 17.26 -4.12 31.48
N GLY C 10 17.51 -5.40 31.24
CA GLY C 10 17.61 -6.31 32.34
C GLY C 10 16.30 -6.79 32.91
N MET C 11 15.15 -6.28 32.43
CA MET C 11 13.91 -6.85 32.92
C MET C 11 13.76 -8.28 32.46
N ARG C 12 13.16 -9.08 33.33
CA ARG C 12 12.85 -10.46 33.04
C ARG C 12 11.56 -10.55 32.25
N VAL C 13 11.55 -11.46 31.28
CA VAL C 13 10.43 -11.68 30.38
C VAL C 13 9.83 -13.05 30.69
N PHE C 14 8.51 -13.08 30.86
CA PHE C 14 7.76 -14.30 31.07
C PHE C 14 6.62 -14.35 30.07
N THR C 15 6.15 -15.56 29.80
CA THR C 15 4.94 -15.71 29.03
C THR C 15 3.74 -15.71 29.96
N ASP C 16 2.56 -15.53 29.39
CA ASP C 16 1.37 -15.53 30.21
C ASP C 16 0.97 -16.91 30.70
N GLU C 17 1.73 -17.95 30.38
CA GLU C 17 1.63 -19.20 31.12
C GLU C 17 2.67 -19.29 32.23
N GLY C 18 3.37 -18.20 32.52
CA GLY C 18 4.35 -18.18 33.59
C GLY C 18 5.67 -18.82 33.26
N ARG C 19 5.97 -19.06 32.00
CA ARG C 19 7.24 -19.64 31.62
C ARG C 19 8.26 -18.52 31.45
N TYR C 20 9.46 -18.73 31.99
CA TYR C 20 10.54 -17.76 31.87
C TYR C 20 11.14 -17.79 30.47
N VAL C 21 11.43 -16.61 29.94
CA VAL C 21 11.94 -16.47 28.58
C VAL C 21 13.39 -15.99 28.58
N GLY C 22 13.71 -15.02 29.41
CA GLY C 22 15.06 -14.49 29.46
C GLY C 22 15.03 -13.05 29.91
N ARG C 23 16.17 -12.39 29.80
CA ARG C 23 16.29 -11.00 30.17
C ARG C 23 16.45 -10.12 28.96
N VAL C 24 15.94 -8.90 29.06
CA VAL C 24 16.08 -7.93 27.99
C VAL C 24 17.52 -7.44 28.01
N GLU C 25 18.24 -7.72 26.92
CA GLU C 25 19.56 -7.13 26.67
C GLU C 25 19.46 -5.78 25.96
N ASP C 26 18.41 -5.56 25.15
CA ASP C 26 18.39 -4.34 24.36
C ASP C 26 17.00 -4.15 23.77
N VAL C 27 16.74 -2.96 23.28
CA VAL C 27 15.45 -2.61 22.69
C VAL C 27 15.68 -2.14 21.27
N ILE C 28 14.83 -2.61 20.34
CA ILE C 28 15.01 -2.40 18.91
C ILE C 28 13.99 -1.37 18.42
N LEU C 29 14.48 -0.26 17.86
CA LEU C 29 13.65 0.87 17.46
C LEU C 29 13.50 0.95 15.94
N ASP C 30 12.33 1.42 15.49
CA ASP C 30 12.06 1.76 14.09
C ASP C 30 11.84 3.26 13.98
N GLN C 31 12.76 3.96 13.32
CA GLN C 31 12.60 5.39 13.10
C GLN C 31 11.34 5.68 12.28
N ASN C 32 11.08 4.87 11.26
CA ASN C 32 9.96 5.11 10.34
C ASN C 32 8.64 5.16 11.09
N THR C 33 8.29 4.06 11.75
CA THR C 33 7.02 3.94 12.47
C THR C 33 7.04 4.66 13.81
N LYS C 34 8.20 5.06 14.32
CA LYS C 34 8.31 5.76 15.60
C LYS C 34 7.87 4.83 16.72
N SER C 35 8.46 3.63 16.77
CA SER C 35 7.97 2.59 17.65
C SER C 35 9.07 1.61 17.96
N ILE C 36 8.88 0.88 19.05
CA ILE C 36 9.71 -0.26 19.41
C ILE C 36 9.29 -1.43 18.53
N ARG C 37 10.28 -2.06 17.90
CA ARG C 37 10.00 -3.21 17.06
C ARG C 37 10.17 -4.50 17.83
N GLY C 38 11.18 -4.58 18.68
CA GLY C 38 11.31 -5.79 19.45
C GLY C 38 12.09 -5.54 20.71
N LEU C 39 12.24 -6.61 21.48
CA LEU C 39 13.12 -6.66 22.64
C LEU C 39 14.17 -7.70 22.33
N ALA C 40 15.44 -7.37 22.53
CA ALA C 40 16.50 -8.34 22.31
C ALA C 40 16.79 -9.06 23.62
N ILE C 41 16.76 -10.39 23.58
CA ILE C 41 16.86 -11.25 24.76
C ILE C 41 18.11 -12.11 24.65
N SER C 42 18.80 -12.27 25.78
CA SER C 42 19.73 -13.39 25.95
C SER C 42 19.51 -13.94 27.35
N ASP C 43 20.45 -14.75 27.85
CA ASP C 43 20.20 -15.61 29.01
C ASP C 43 18.83 -16.25 28.85
N TYR C 44 18.69 -16.93 27.73
CA TYR C 44 17.43 -17.11 27.04
C TYR C 44 17.04 -18.58 27.11
N ASN C 45 15.76 -18.85 27.27
CA ASN C 45 15.38 -20.20 27.73
C ASN C 45 15.56 -21.19 26.59
N LYS C 46 16.70 -21.85 26.61
CA LYS C 46 16.99 -22.93 25.68
C LYS C 46 15.98 -24.08 25.77
N ALA C 47 15.07 -24.08 26.73
CA ALA C 47 13.93 -24.99 26.81
C ALA C 47 12.75 -24.54 25.93
N LEU C 48 12.36 -23.28 25.99
CA LEU C 48 11.32 -22.80 25.08
C LEU C 48 11.84 -22.51 23.68
N ILE C 49 13.07 -22.02 23.55
CA ILE C 49 13.59 -21.59 22.26
C ILE C 49 14.63 -22.60 21.78
N ASP C 50 14.47 -23.07 20.54
CA ASP C 50 15.52 -23.76 19.79
C ASP C 50 16.17 -22.72 18.89
N SER C 51 17.32 -22.21 19.31
CA SER C 51 18.02 -21.23 18.49
C SER C 51 19.50 -21.26 18.83
N HIS C 52 20.31 -21.44 17.79
CA HIS C 52 21.75 -21.35 17.92
C HIS C 52 22.19 -19.96 18.35
N ALA C 53 21.39 -18.94 18.04
CA ALA C 53 21.85 -17.56 18.00
C ALA C 53 22.31 -17.08 19.37
N LYS C 54 23.09 -15.99 19.36
CA LYS C 54 23.47 -15.32 20.59
C LYS C 54 22.24 -14.77 21.31
N GLY C 55 21.21 -14.42 20.56
CA GLY C 55 19.98 -13.93 21.14
C GLY C 55 18.90 -13.88 20.08
N VAL C 56 17.66 -13.89 20.57
CA VAL C 56 16.51 -13.74 19.72
C VAL C 56 15.86 -12.39 20.00
N ILE C 57 14.90 -12.04 19.16
CA ILE C 57 14.17 -10.78 19.25
C ILE C 57 12.69 -11.10 19.35
N ILE C 58 12.07 -10.63 20.42
CA ILE C 58 10.65 -10.81 20.66
C ILE C 58 9.93 -9.61 20.02
N PRO C 59 9.01 -9.82 19.08
CA PRO C 59 8.28 -8.68 18.53
C PRO C 59 7.45 -8.04 19.63
N TYR C 60 7.39 -6.71 19.60
CA TYR C 60 6.73 -5.98 20.68
C TYR C 60 5.23 -6.24 20.69
N ARG C 61 4.65 -6.62 19.55
CA ARG C 61 3.22 -6.87 19.49
C ARG C 61 2.79 -8.09 20.27
N VAL C 62 3.71 -8.88 20.84
CA VAL C 62 3.26 -9.92 21.76
C VAL C 62 3.43 -9.52 23.21
N VAL C 63 3.94 -8.31 23.48
CA VAL C 63 4.06 -7.82 24.84
C VAL C 63 2.67 -7.47 25.37
N LYS C 64 2.31 -8.08 26.50
CA LYS C 64 1.04 -7.84 27.17
C LYS C 64 1.14 -6.87 28.34
N ALA C 65 2.26 -6.86 29.05
CA ALA C 65 2.36 -5.92 30.15
C ALA C 65 3.82 -5.74 30.51
N VAL C 66 4.13 -4.54 30.96
CA VAL C 66 5.45 -4.18 31.42
C VAL C 66 5.28 -3.70 32.85
N GLY C 67 5.70 -4.52 33.82
CA GLY C 67 5.64 -4.13 35.21
C GLY C 67 6.98 -4.30 35.91
N ASP C 68 7.01 -5.04 37.02
CA ASP C 68 8.27 -5.52 37.57
C ASP C 68 8.93 -6.54 36.65
N ILE C 69 8.14 -7.18 35.80
CA ILE C 69 8.58 -8.09 34.76
C ILE C 69 7.79 -7.75 33.50
N ILE C 70 8.19 -8.36 32.39
CA ILE C 70 7.46 -8.25 31.13
C ILE C 70 6.72 -9.56 30.93
N ILE C 71 5.44 -9.47 30.55
CA ILE C 71 4.63 -10.63 30.21
C ILE C 71 4.31 -10.56 28.74
N ILE C 72 4.47 -11.68 28.04
CA ILE C 72 4.26 -11.75 26.60
C ILE C 72 3.28 -12.88 26.34
N LYS C 73 2.56 -12.79 25.23
CA LYS C 73 1.77 -13.93 24.76
C LYS C 73 2.68 -15.14 24.64
N ASP C 74 2.15 -16.33 24.99
CA ASP C 74 2.95 -17.54 24.95
C ASP C 74 2.93 -18.16 23.56
N LEU C 75 4.12 -18.36 23.01
CA LEU C 75 4.33 -18.85 21.66
C LEU C 75 4.58 -20.35 21.66
N TYR C 105 15.61 0.12 13.31
CA TYR C 105 16.18 -1.16 12.98
C TYR C 105 17.46 -0.99 13.77
N VAL C 106 17.37 -0.03 14.69
CA VAL C 106 18.42 0.52 15.54
C VAL C 106 18.28 -0.04 16.95
N PRO C 107 19.32 -0.65 17.51
CA PRO C 107 19.29 -1.01 18.93
C PRO C 107 19.45 0.23 19.82
N ALA C 108 18.76 0.21 20.95
CA ALA C 108 18.70 1.41 21.77
C ALA C 108 20.00 1.68 22.52
N ARG C 109 20.70 0.63 22.99
CA ARG C 109 21.99 0.82 23.66
C ARG C 109 22.92 1.73 22.86
N SER C 110 23.03 1.49 21.55
CA SER C 110 24.01 2.21 20.74
C SER C 110 23.77 3.70 20.68
N LEU C 111 22.61 4.17 21.14
CA LEU C 111 22.29 5.59 21.12
C LEU C 111 22.74 6.32 22.36
N ALA C 112 23.22 5.60 23.36
CA ALA C 112 23.62 6.20 24.62
C ALA C 112 24.52 7.40 24.39
N ARG C 113 24.05 8.57 24.80
CA ARG C 113 24.84 9.78 24.88
C ARG C 113 25.34 10.28 23.53
N LYS C 114 24.74 9.83 22.42
CA LYS C 114 25.09 10.42 21.15
C LYS C 114 24.72 11.90 21.14
N SER C 115 25.31 12.61 20.18
CA SER C 115 25.01 14.02 20.02
C SER C 115 23.77 14.19 19.15
N VAL C 116 23.03 15.24 19.43
CA VAL C 116 21.79 15.57 18.75
C VAL C 116 21.99 16.89 18.02
N VAL C 117 21.62 16.92 16.74
CA VAL C 117 21.95 18.02 15.85
C VAL C 117 20.73 18.31 14.99
N LEU C 118 20.48 19.60 14.74
CA LEU C 118 19.48 19.98 13.75
C LEU C 118 19.96 19.64 12.35
N THR C 119 18.99 19.55 11.43
CA THR C 119 19.34 19.28 10.03
C THR C 119 20.28 20.34 9.45
N ASP C 120 20.32 21.55 10.00
CA ASP C 120 21.22 22.57 9.49
C ASP C 120 22.62 22.49 10.09
N GLY C 121 22.87 21.56 11.01
CA GLY C 121 24.18 21.44 11.60
C GLY C 121 24.34 22.22 12.89
N THR C 122 23.25 22.72 13.45
CA THR C 122 23.30 23.31 14.78
C THR C 122 23.27 22.20 15.82
N VAL C 123 24.09 22.34 16.85
CA VAL C 123 24.17 21.31 17.88
C VAL C 123 23.10 21.59 18.92
N VAL C 124 22.36 20.55 19.29
CA VAL C 124 21.35 20.68 20.34
C VAL C 124 21.91 20.31 21.69
N GLY C 125 22.65 19.22 21.75
CA GLY C 125 23.05 18.66 23.01
C GLY C 125 23.38 17.18 22.83
N THR C 126 23.43 16.48 23.94
CA THR C 126 23.70 15.05 23.93
C THR C 126 22.48 14.31 24.45
N LEU C 127 22.22 13.15 23.87
CA LEU C 127 21.05 12.38 24.25
C LEU C 127 21.16 11.94 25.70
N TYR C 128 20.15 12.29 26.51
CA TYR C 128 20.11 11.71 27.84
C TYR C 128 19.26 10.44 27.90
N ASN C 129 18.07 10.44 27.31
CA ASN C 129 17.26 9.22 27.37
C ASN C 129 16.10 9.34 26.38
N ILE C 130 15.34 8.25 26.24
CA ILE C 130 14.22 8.17 25.30
C ILE C 130 12.97 7.79 26.06
N THR C 131 11.88 8.50 25.81
CA THR C 131 10.59 8.25 26.44
C THR C 131 9.70 7.42 25.51
N VAL C 132 9.11 6.35 26.04
CA VAL C 132 8.29 5.46 25.24
C VAL C 132 6.96 5.20 25.95
N ASP C 133 5.93 4.89 25.16
CA ASP C 133 4.64 4.43 25.69
C ASP C 133 4.67 2.91 25.77
N PHE C 134 4.66 2.39 27.01
CA PHE C 134 4.85 0.97 27.25
C PHE C 134 3.70 0.12 26.72
N LYS C 135 2.47 0.62 26.81
CA LYS C 135 1.34 -0.17 26.33
C LYS C 135 1.38 -0.27 24.82
N THR C 136 1.63 0.86 24.17
CA THR C 136 1.52 1.00 22.73
C THR C 136 2.80 0.61 22.00
N GLY C 137 3.96 0.78 22.63
CA GLY C 137 5.20 0.67 21.91
C GLY C 137 5.63 1.93 21.18
N THR C 138 4.84 3.00 21.23
CA THR C 138 5.20 4.22 20.52
C THR C 138 6.36 4.92 21.21
N ILE C 139 7.27 5.46 20.41
CA ILE C 139 8.31 6.33 20.94
C ILE C 139 7.72 7.73 21.03
N VAL C 140 7.96 8.40 22.15
CA VAL C 140 7.35 9.70 22.42
C VAL C 140 8.38 10.82 22.29
N ASN C 141 9.42 10.80 23.12
CA ASN C 141 10.35 11.93 23.21
C ASN C 141 11.80 11.50 23.27
N LEU C 142 12.67 12.38 22.81
CA LEU C 142 14.06 12.38 23.22
C LEU C 142 14.22 13.33 24.39
N LEU C 143 14.95 12.91 25.42
CA LEU C 143 15.40 13.80 26.47
C LEU C 143 16.86 14.15 26.21
N VAL C 144 17.14 15.43 25.98
CA VAL C 144 18.44 15.85 25.48
C VAL C 144 19.05 16.87 26.44
N LYS C 145 20.32 16.65 26.83
CA LYS C 145 21.09 17.64 27.62
C LYS C 145 21.47 18.84 26.75
N PRO C 146 21.01 20.05 27.08
CA PRO C 146 21.24 21.20 26.19
C PRO C 146 22.71 21.60 26.11
N GLU C 147 23.08 22.19 24.96
CA GLU C 147 24.40 22.80 24.77
C GLU C 147 24.28 24.19 24.18
N ASN C 148 23.27 24.41 23.36
CA ASN C 148 22.91 25.72 22.85
C ASN C 148 21.46 26.03 23.19
N GLU C 149 21.14 27.31 23.05
CA GLU C 149 19.76 27.75 23.21
C GLU C 149 19.02 27.55 21.89
N ILE C 150 17.95 26.78 21.96
CA ILE C 150 17.09 26.49 20.80
C ILE C 150 15.67 26.59 21.32
N PRO C 151 15.02 27.75 21.21
CA PRO C 151 13.73 27.95 21.87
C PRO C 151 12.61 27.09 21.32
N ASP C 152 12.81 26.45 20.17
CA ASP C 152 11.78 25.62 19.56
C ASP C 152 11.36 24.48 20.49
N PHE C 153 12.23 24.05 21.39
CA PHE C 153 12.00 22.89 22.24
C PHE C 153 11.70 23.36 23.66
N LYS C 154 10.81 22.66 24.36
CA LYS C 154 10.56 22.98 25.75
C LYS C 154 11.56 22.28 26.64
N LYS C 155 11.89 22.91 27.76
CA LYS C 155 12.76 22.30 28.75
C LYS C 155 11.96 21.84 29.96
N GLU C 156 12.43 20.77 30.57
CA GLU C 156 11.81 20.22 31.77
C GLU C 156 12.88 19.52 32.57
N GLU C 157 13.04 19.90 33.84
CA GLU C 157 14.07 19.33 34.70
C GLU C 157 15.45 19.44 34.06
N GLY C 158 15.69 20.57 33.37
CA GLY C 158 16.96 20.82 32.70
C GLY C 158 17.13 20.21 31.33
N LEU C 159 16.15 19.44 30.83
CA LEU C 159 16.32 18.65 29.61
C LEU C 159 15.41 19.14 28.49
N TYR C 160 15.94 19.23 27.28
CA TYR C 160 15.07 19.45 26.13
C TYR C 160 14.16 18.25 25.91
N ILE C 161 12.88 18.52 25.69
CA ILE C 161 11.88 17.50 25.38
C ILE C 161 11.64 17.60 23.87
N ILE C 162 12.27 16.73 23.10
CA ILE C 162 12.17 16.76 21.64
C ILE C 162 11.20 15.67 21.20
N PRO C 163 10.04 16.01 20.61
CA PRO C 163 9.14 14.97 20.08
C PRO C 163 9.85 14.05 19.11
N PHE C 164 9.55 12.76 19.21
CA PHE C 164 10.24 11.83 18.32
C PHE C 164 9.83 12.01 16.86
N GLU C 165 8.67 12.62 16.58
CA GLU C 165 8.36 13.00 15.20
C GLU C 165 9.41 13.91 14.60
N CYS C 166 10.21 14.61 15.41
CA CYS C 166 11.23 15.46 14.83
C CYS C 166 12.46 14.70 14.38
N VAL C 167 12.63 13.45 14.81
CA VAL C 167 13.85 12.75 14.47
C VAL C 167 13.80 12.36 13.01
N ARG C 168 14.88 12.67 12.28
CA ARG C 168 14.96 12.31 10.88
C ARG C 168 16.01 11.26 10.58
N SER C 169 17.01 11.10 11.44
CA SER C 169 17.98 10.05 11.20
C SER C 169 18.70 9.70 12.50
N LEU C 170 19.19 8.47 12.56
CA LEU C 170 19.93 7.97 13.71
C LEU C 170 21.16 7.25 13.18
N LYS C 171 22.31 7.93 13.20
CA LYS C 171 23.56 7.33 12.73
C LYS C 171 24.64 7.60 13.74
N ASP C 172 25.75 8.22 13.31
CA ASP C 172 26.74 8.69 14.27
C ASP C 172 26.15 9.79 15.15
N PHE C 173 25.37 10.68 14.55
CA PHE C 173 24.64 11.71 15.25
C PHE C 173 23.15 11.46 15.10
N ILE C 174 22.38 11.93 16.07
CA ILE C 174 20.93 11.93 15.97
C ILE C 174 20.51 13.25 15.35
N VAL C 175 19.81 13.18 14.22
CA VAL C 175 19.43 14.35 13.45
C VAL C 175 17.94 14.62 13.63
N VAL C 176 17.60 15.86 13.98
CA VAL C 176 16.23 16.30 14.20
C VAL C 176 16.05 17.59 13.41
N ASP C 177 14.79 18.01 13.25
CA ASP C 177 14.54 19.36 12.76
C ASP C 177 13.51 20.06 13.62
N ARG C 178 13.44 21.38 13.45
CA ARG C 178 12.65 22.24 14.35
C ARG C 178 11.19 21.82 14.40
N ARG C 179 10.60 21.47 13.26
CA ARG C 179 9.25 20.91 13.27
C ARG C 179 9.14 19.72 12.35
N MET D 1 -7.74 24.13 4.69
CA MET D 1 -7.85 24.01 6.14
C MET D 1 -9.24 24.49 6.58
N ILE D 2 -9.38 25.78 6.90
CA ILE D 2 -10.64 26.31 7.41
C ILE D 2 -11.51 26.76 6.24
N GLY D 3 -12.64 26.08 6.06
CA GLY D 3 -13.58 26.46 5.01
C GLY D 3 -15.05 26.36 5.40
N GLU D 4 -15.92 26.57 4.42
CA GLU D 4 -17.36 26.59 4.65
C GLU D 4 -17.93 25.20 4.38
N ILE D 5 -18.89 24.79 5.22
CA ILE D 5 -19.35 23.41 5.22
C ILE D 5 -20.21 23.07 4.00
N THR D 6 -20.79 24.08 3.33
CA THR D 6 -21.62 23.77 2.17
C THR D 6 -20.82 23.19 1.03
N THR D 7 -19.51 23.40 1.02
CA THR D 7 -18.69 22.90 -0.07
C THR D 7 -18.60 21.38 -0.10
N PHE D 8 -18.87 20.69 1.01
CA PHE D 8 -18.97 19.23 0.96
C PHE D 8 -20.09 18.78 0.03
N PHE D 9 -21.20 19.51 0.02
CA PHE D 9 -22.41 19.01 -0.61
C PHE D 9 -22.16 18.72 -2.08
N GLY D 10 -22.54 17.51 -2.52
CA GLY D 10 -22.43 17.14 -3.91
C GLY D 10 -21.08 16.60 -4.34
N MET D 11 -20.03 16.81 -3.55
CA MET D 11 -18.71 16.31 -3.90
C MET D 11 -18.70 14.79 -4.08
N ARG D 12 -17.90 14.33 -5.04
CA ARG D 12 -17.66 12.92 -5.28
C ARG D 12 -16.64 12.39 -4.28
N VAL D 13 -16.84 11.15 -3.83
CA VAL D 13 -15.97 10.54 -2.82
C VAL D 13 -15.29 9.33 -3.43
N PHE D 14 -13.98 9.26 -3.27
CA PHE D 14 -13.18 8.14 -3.72
C PHE D 14 -12.37 7.61 -2.54
N THR D 15 -11.92 6.38 -2.64
CA THR D 15 -10.98 5.93 -1.63
C THR D 15 -9.55 6.17 -2.11
N ASP D 16 -8.60 6.01 -1.18
CA ASP D 16 -7.20 6.08 -1.57
C ASP D 16 -6.73 4.85 -2.35
N GLU D 17 -7.60 3.88 -2.56
CA GLU D 17 -7.39 2.89 -3.60
C GLU D 17 -7.90 3.35 -4.96
N GLY D 18 -8.42 4.57 -5.05
CA GLY D 18 -8.86 5.13 -6.31
C GLY D 18 -10.24 4.72 -6.77
N ARG D 19 -10.98 4.00 -5.94
CA ARG D 19 -12.28 3.49 -6.34
C ARG D 19 -13.38 4.43 -5.85
N TYR D 20 -14.48 4.44 -6.60
CA TYR D 20 -15.53 5.44 -6.45
C TYR D 20 -16.58 5.01 -5.43
N VAL D 21 -16.88 5.90 -4.48
CA VAL D 21 -17.79 5.59 -3.39
C VAL D 21 -19.18 6.20 -3.61
N GLY D 22 -19.25 7.47 -3.96
CA GLY D 22 -20.54 8.12 -4.18
C GLY D 22 -20.45 9.60 -3.92
N ARG D 23 -21.61 10.23 -3.73
CA ARG D 23 -21.72 11.68 -3.62
C ARG D 23 -22.14 12.06 -2.21
N VAL D 24 -21.46 13.06 -1.64
CA VAL D 24 -21.86 13.62 -0.34
C VAL D 24 -23.26 14.21 -0.44
N GLU D 25 -24.20 13.66 0.33
CA GLU D 25 -25.55 14.22 0.41
C GLU D 25 -25.74 15.14 1.61
N ASP D 26 -25.08 14.87 2.73
CA ASP D 26 -25.26 15.73 3.89
C ASP D 26 -24.11 15.46 4.85
N VAL D 27 -23.88 16.41 5.74
CA VAL D 27 -22.82 16.34 6.73
C VAL D 27 -23.47 16.19 8.10
N ILE D 28 -22.99 15.22 8.88
CA ILE D 28 -23.56 14.92 10.20
C ILE D 28 -22.71 15.61 11.26
N LEU D 29 -23.37 16.31 12.17
CA LEU D 29 -22.68 17.12 13.17
C LEU D 29 -22.96 16.60 14.58
N ASP D 30 -21.98 16.81 15.46
CA ASP D 30 -22.09 16.51 16.89
C ASP D 30 -21.94 17.81 17.66
N GLN D 31 -23.04 18.27 18.27
CA GLN D 31 -23.02 19.55 18.99
C GLN D 31 -22.15 19.48 20.24
N ASN D 32 -22.07 18.32 20.88
CA ASN D 32 -21.36 18.23 22.15
C ASN D 32 -19.85 18.30 21.93
N THR D 33 -19.34 17.63 20.90
CA THR D 33 -17.92 17.65 20.58
C THR D 33 -17.50 18.82 19.70
N LYS D 34 -18.45 19.55 19.12
CA LYS D 34 -18.19 20.70 18.25
C LYS D 34 -17.39 20.30 17.01
N SER D 35 -17.88 19.27 16.31
CA SER D 35 -17.08 18.71 15.23
C SER D 35 -17.97 17.96 14.26
N ILE D 36 -17.46 17.79 13.04
CA ILE D 36 -18.11 16.94 12.06
C ILE D 36 -17.95 15.49 12.49
N ARG D 37 -19.07 14.81 12.74
CA ARG D 37 -18.91 13.40 13.08
C ARG D 37 -18.72 12.55 11.83
N GLY D 38 -19.37 12.89 10.72
CA GLY D 38 -19.37 11.99 9.59
C GLY D 38 -20.02 12.62 8.37
N LEU D 39 -19.99 11.86 7.27
CA LEU D 39 -20.48 12.32 5.97
C LEU D 39 -21.53 11.35 5.44
N ALA D 40 -22.74 11.86 5.20
CA ALA D 40 -23.79 11.03 4.63
C ALA D 40 -23.60 10.91 3.13
N ILE D 41 -23.59 9.67 2.63
CA ILE D 41 -23.36 9.37 1.22
C ILE D 41 -24.61 8.79 0.60
N SER D 42 -25.12 9.47 -0.41
CA SER D 42 -26.17 9.01 -1.32
C SER D 42 -25.56 8.60 -2.65
N ASP D 43 -26.37 7.94 -3.47
CA ASP D 43 -25.95 7.36 -4.75
C ASP D 43 -24.62 6.64 -4.58
N TYR D 44 -24.69 5.61 -3.77
CA TYR D 44 -23.51 4.98 -3.22
C TYR D 44 -23.16 3.73 -4.03
N ASN D 45 -21.88 3.54 -4.28
CA ASN D 45 -21.44 2.51 -5.22
C ASN D 45 -21.92 1.14 -4.78
N LYS D 46 -22.66 0.47 -5.66
CA LYS D 46 -23.10 -0.90 -5.38
C LYS D 46 -21.91 -1.85 -5.31
N ALA D 47 -20.93 -1.68 -6.20
CA ALA D 47 -19.79 -2.60 -6.24
C ALA D 47 -19.04 -2.63 -4.91
N LEU D 48 -18.85 -1.47 -4.31
CA LEU D 48 -18.07 -1.31 -3.09
C LEU D 48 -18.86 -1.54 -1.82
N ILE D 49 -20.14 -1.16 -1.79
CA ILE D 49 -20.91 -1.15 -0.56
C ILE D 49 -22.05 -2.14 -0.69
N ASP D 50 -22.03 -3.17 0.15
CA ASP D 50 -23.16 -4.08 0.33
C ASP D 50 -24.08 -3.46 1.37
N SER D 51 -25.11 -2.74 0.92
CA SER D 51 -26.00 -2.06 1.85
C SER D 51 -27.39 -1.96 1.26
N HIS D 52 -28.38 -1.99 2.14
CA HIS D 52 -29.79 -1.89 1.78
C HIS D 52 -30.33 -0.48 1.97
N ALA D 53 -29.87 0.20 3.02
CA ALA D 53 -30.42 1.48 3.45
C ALA D 53 -30.23 2.56 2.38
N LYS D 54 -30.95 3.66 2.57
CA LYS D 54 -30.95 4.77 1.62
C LYS D 54 -29.57 5.37 1.43
N GLY D 55 -28.66 5.18 2.37
CA GLY D 55 -27.32 5.69 2.26
C GLY D 55 -26.42 5.05 3.29
N VAL D 56 -25.19 5.54 3.35
CA VAL D 56 -24.21 5.12 4.34
C VAL D 56 -23.54 6.35 4.90
N ILE D 57 -23.21 6.32 6.17
CA ILE D 57 -22.46 7.40 6.79
C ILE D 57 -21.02 6.94 6.96
N ILE D 58 -20.08 7.87 6.81
CA ILE D 58 -18.65 7.59 6.79
C ILE D 58 -18.00 8.43 7.87
N PRO D 59 -17.31 7.83 8.85
CA PRO D 59 -16.73 8.62 9.94
C PRO D 59 -15.67 9.57 9.41
N TYR D 60 -15.75 10.83 9.83
CA TYR D 60 -14.86 11.84 9.29
C TYR D 60 -13.40 11.55 9.62
N ARG D 61 -13.13 10.65 10.56
CA ARG D 61 -11.74 10.33 10.90
C ARG D 61 -11.05 9.58 9.77
N VAL D 62 -11.80 8.97 8.83
CA VAL D 62 -11.19 8.27 7.70
C VAL D 62 -11.09 9.18 6.47
N VAL D 63 -11.38 10.48 6.62
CA VAL D 63 -11.23 11.44 5.52
C VAL D 63 -9.77 11.82 5.40
N LYS D 64 -9.15 11.48 4.27
CA LYS D 64 -7.73 11.82 4.10
C LYS D 64 -7.49 13.20 3.52
N ALA D 65 -8.42 13.72 2.70
CA ALA D 65 -8.21 15.01 2.07
C ALA D 65 -9.49 15.47 1.40
N VAL D 66 -9.57 16.78 1.21
CA VAL D 66 -10.73 17.44 0.63
C VAL D 66 -10.22 18.48 -0.37
N GLY D 67 -10.39 18.20 -1.66
CA GLY D 67 -10.08 19.19 -2.67
C GLY D 67 -11.18 19.26 -3.70
N ASP D 68 -10.82 19.00 -4.97
CA ASP D 68 -11.81 18.82 -6.01
C ASP D 68 -12.65 17.57 -5.76
N ILE D 69 -12.07 16.59 -5.07
CA ILE D 69 -12.80 15.41 -4.62
C ILE D 69 -12.42 15.17 -3.17
N ILE D 70 -13.08 14.21 -2.56
CA ILE D 70 -12.78 13.80 -1.19
C ILE D 70 -12.17 12.42 -1.27
N ILE D 71 -11.10 12.21 -0.53
CA ILE D 71 -10.38 10.94 -0.50
C ILE D 71 -10.49 10.33 0.88
N ILE D 72 -10.94 9.08 0.90
CA ILE D 72 -11.26 8.34 2.11
C ILE D 72 -10.27 7.19 2.27
N LYS D 73 -9.81 6.97 3.49
CA LYS D 73 -9.16 5.71 3.81
C LYS D 73 -10.05 4.57 3.36
N ASP D 74 -9.50 3.67 2.53
CA ASP D 74 -10.31 2.59 1.96
C ASP D 74 -10.56 1.51 3.00
N LEU D 75 -11.84 1.29 3.32
CA LEU D 75 -12.29 0.27 4.26
C LEU D 75 -12.60 -1.04 3.53
N PHE D 76 -13.58 -1.00 2.64
CA PHE D 76 -14.05 -2.14 1.85
C PHE D 76 -12.94 -2.92 1.13
N MET D 104 -24.14 13.04 19.21
CA MET D 104 -25.44 13.58 18.80
C MET D 104 -25.61 13.33 17.29
N TYR D 105 -26.80 13.61 16.78
CA TYR D 105 -27.15 13.28 15.39
C TYR D 105 -27.90 14.48 14.80
N VAL D 106 -27.16 15.38 14.17
CA VAL D 106 -27.75 16.60 13.60
C VAL D 106 -27.39 16.73 12.13
N PRO D 107 -28.28 16.38 11.20
CA PRO D 107 -28.01 16.63 9.77
C PRO D 107 -27.83 18.12 9.50
N ALA D 108 -26.85 18.44 8.65
CA ALA D 108 -26.48 19.84 8.50
C ALA D 108 -27.35 20.59 7.50
N ARG D 109 -27.95 19.89 6.53
CA ARG D 109 -28.88 20.58 5.64
C ARG D 109 -30.10 21.07 6.40
N SER D 110 -30.47 20.38 7.49
CA SER D 110 -31.59 20.82 8.32
C SER D 110 -31.37 22.22 8.86
N LEU D 111 -30.13 22.60 9.14
CA LEU D 111 -29.83 23.92 9.68
C LEU D 111 -29.93 25.03 8.64
N ALA D 112 -30.29 24.70 7.41
CA ALA D 112 -30.29 25.68 6.33
C ALA D 112 -31.26 26.81 6.65
N ARG D 113 -30.77 28.05 6.57
CA ARG D 113 -31.59 29.26 6.68
C ARG D 113 -32.29 29.37 8.03
N LYS D 114 -32.01 28.48 8.96
CA LYS D 114 -32.74 28.47 10.22
C LYS D 114 -32.50 29.79 10.96
N SER D 115 -33.41 30.13 11.86
CA SER D 115 -33.33 31.41 12.55
C SER D 115 -32.30 31.40 13.68
N VAL D 116 -31.71 32.55 13.93
CA VAL D 116 -30.66 32.73 14.95
C VAL D 116 -31.07 33.86 15.89
N VAL D 117 -31.12 33.55 17.20
CA VAL D 117 -31.57 34.51 18.21
C VAL D 117 -30.61 34.46 19.40
N LEU D 118 -30.61 35.56 20.16
CA LEU D 118 -29.91 35.55 21.44
C LEU D 118 -30.70 34.71 22.45
N THR D 119 -30.17 34.60 23.68
CA THR D 119 -30.83 33.79 24.69
C THR D 119 -32.13 34.41 25.18
N ASP D 120 -32.35 35.71 24.95
CA ASP D 120 -33.57 36.39 25.39
C ASP D 120 -34.64 36.46 24.31
N GLY D 121 -34.42 35.83 23.16
CA GLY D 121 -35.39 35.78 22.09
C GLY D 121 -35.13 36.75 20.96
N THR D 122 -34.37 37.82 21.20
CA THR D 122 -34.15 38.83 20.17
C THR D 122 -33.30 38.28 19.03
N VAL D 123 -33.71 38.60 17.81
CA VAL D 123 -33.21 37.91 16.63
C VAL D 123 -31.86 38.49 16.22
N VAL D 124 -30.91 37.59 15.97
CA VAL D 124 -29.65 37.98 15.34
C VAL D 124 -29.82 38.06 13.83
N GLY D 125 -30.47 37.05 13.26
CA GLY D 125 -30.69 36.97 11.84
C GLY D 125 -30.91 35.53 11.46
N THR D 126 -30.67 35.24 10.17
CA THR D 126 -30.79 33.89 9.64
C THR D 126 -29.43 33.32 9.30
N LEU D 127 -29.30 32.00 9.47
CA LEU D 127 -28.01 31.34 9.26
C LEU D 127 -27.67 31.29 7.78
N TYR D 128 -26.44 31.65 7.44
CA TYR D 128 -26.00 31.56 6.05
C TYR D 128 -25.09 30.37 5.79
N ASN D 129 -24.14 30.08 6.68
CA ASN D 129 -23.23 28.96 6.49
C ASN D 129 -22.47 28.73 7.80
N ILE D 130 -21.63 27.69 7.82
CA ILE D 130 -20.89 27.28 9.00
C ILE D 130 -19.43 27.02 8.63
N THR D 131 -18.52 27.65 9.37
CA THR D 131 -17.08 27.49 9.20
C THR D 131 -16.58 26.21 9.89
N VAL D 132 -15.88 25.36 9.14
CA VAL D 132 -15.25 24.16 9.70
C VAL D 132 -13.79 24.05 9.27
N ASP D 133 -12.98 23.39 10.09
CA ASP D 133 -11.63 22.98 9.71
C ASP D 133 -11.73 21.60 9.07
N PHE D 134 -11.27 21.49 7.83
CA PHE D 134 -11.43 20.24 7.10
C PHE D 134 -10.47 19.16 7.60
N LYS D 135 -9.33 19.56 8.16
CA LYS D 135 -8.43 18.57 8.75
C LYS D 135 -9.05 17.95 9.99
N THR D 136 -9.45 18.78 10.95
CA THR D 136 -9.85 18.27 12.26
C THR D 136 -11.30 17.80 12.28
N GLY D 137 -12.20 18.52 11.61
CA GLY D 137 -13.61 18.35 11.77
C GLY D 137 -14.23 19.35 12.70
N THR D 138 -13.40 20.14 13.38
CA THR D 138 -13.85 21.13 14.35
C THR D 138 -14.70 22.20 13.67
N ILE D 139 -15.92 22.39 14.21
CA ILE D 139 -16.74 23.52 13.81
C ILE D 139 -16.17 24.78 14.45
N VAL D 140 -16.13 25.86 13.69
CA VAL D 140 -15.37 27.06 14.07
C VAL D 140 -16.29 28.26 14.31
N ASN D 141 -17.02 28.69 13.29
CA ASN D 141 -17.91 29.84 13.41
C ASN D 141 -19.25 29.52 12.76
N LEU D 142 -20.24 30.35 13.07
CA LEU D 142 -21.45 30.45 12.28
C LEU D 142 -21.41 31.77 11.53
N LEU D 143 -21.95 31.76 10.31
CA LEU D 143 -22.09 32.94 9.47
C LEU D 143 -23.58 33.23 9.33
N VAL D 144 -23.99 34.45 9.65
CA VAL D 144 -25.39 34.79 9.86
C VAL D 144 -25.73 36.06 9.08
N LYS D 145 -26.85 36.03 8.35
CA LYS D 145 -27.34 37.23 7.66
C LYS D 145 -27.74 38.28 8.68
N PRO D 146 -27.15 39.45 8.68
CA PRO D 146 -27.40 40.40 9.77
C PRO D 146 -28.76 41.05 9.67
N GLU D 147 -29.79 40.44 10.27
CA GLU D 147 -31.13 40.99 10.22
C GLU D 147 -31.45 41.91 11.38
N ASN D 148 -30.50 42.12 12.29
CA ASN D 148 -30.63 43.18 13.27
C ASN D 148 -29.24 43.61 13.71
N GLU D 149 -29.05 44.92 13.86
CA GLU D 149 -27.72 45.52 14.03
C GLU D 149 -27.33 45.42 15.50
N ILE D 150 -26.49 44.44 15.80
CA ILE D 150 -26.11 44.08 17.17
C ILE D 150 -24.64 44.45 17.37
N PRO D 151 -24.29 45.12 18.48
CA PRO D 151 -22.89 45.55 18.67
C PRO D 151 -21.96 44.46 19.14
N ASP D 152 -22.49 43.40 19.76
CA ASP D 152 -21.64 42.40 20.41
C ASP D 152 -20.87 41.56 19.39
N PHE D 153 -21.52 41.15 18.30
CA PHE D 153 -20.83 40.31 17.34
C PHE D 153 -20.10 41.15 16.30
N LYS D 154 -19.13 40.52 15.65
CA LYS D 154 -18.31 41.17 14.62
C LYS D 154 -18.87 40.82 13.25
N LYS D 155 -19.02 41.84 12.40
CA LYS D 155 -19.67 41.76 11.10
C LYS D 155 -18.59 41.90 10.03
N GLU D 156 -18.26 40.80 9.37
CA GLU D 156 -17.28 40.79 8.28
C GLU D 156 -17.96 40.34 7.00
N GLU D 157 -17.78 41.12 5.92
CA GLU D 157 -18.39 40.82 4.63
C GLU D 157 -19.92 40.79 4.75
N GLY D 158 -20.44 41.73 5.54
CA GLY D 158 -21.86 41.81 5.81
C GLY D 158 -22.46 40.62 6.52
N LEU D 159 -21.68 39.93 7.37
CA LEU D 159 -22.17 38.75 8.07
C LEU D 159 -21.60 38.72 9.49
N TYR D 160 -22.46 38.43 10.47
CA TYR D 160 -21.95 38.22 11.82
C TYR D 160 -21.12 36.94 11.89
N ILE D 161 -19.97 37.05 12.54
CA ILE D 161 -19.09 35.92 12.76
C ILE D 161 -19.26 35.51 14.22
N ILE D 162 -19.93 34.39 14.43
CA ILE D 162 -20.33 33.94 15.76
C ILE D 162 -19.56 32.67 16.08
N PRO D 163 -18.63 32.69 17.03
CA PRO D 163 -17.95 31.46 17.45
C PRO D 163 -18.95 30.40 17.85
N PHE D 164 -18.73 29.16 17.39
CA PHE D 164 -19.66 28.09 17.68
C PHE D 164 -19.69 27.75 19.16
N GLU D 165 -18.65 28.16 19.90
CA GLU D 165 -18.64 28.05 21.36
C GLU D 165 -19.87 28.70 21.98
N CYS D 166 -20.40 29.74 21.34
CA CYS D 166 -21.53 30.51 21.85
C CYS D 166 -22.87 29.90 21.54
N VAL D 167 -22.92 28.79 20.83
CA VAL D 167 -24.20 28.16 20.53
C VAL D 167 -24.69 27.45 21.78
N ARG D 168 -25.99 27.58 22.06
CA ARG D 168 -26.61 26.93 23.20
C ARG D 168 -27.66 25.90 22.84
N SER D 169 -28.35 26.04 21.70
CA SER D 169 -29.29 25.00 21.31
C SER D 169 -29.51 25.09 19.80
N LEU D 170 -29.86 23.95 19.22
CA LEU D 170 -29.96 23.81 17.77
C LEU D 170 -31.18 22.96 17.47
N LYS D 171 -32.36 23.57 17.56
CA LYS D 171 -33.61 22.85 17.32
C LYS D 171 -34.38 23.63 16.26
N ASP D 172 -35.55 24.17 16.59
CA ASP D 172 -36.30 24.90 15.57
C ASP D 172 -35.67 26.26 15.32
N PHE D 173 -35.06 26.85 16.36
CA PHE D 173 -34.42 28.16 16.30
C PHE D 173 -33.05 28.03 16.95
N ILE D 174 -32.03 28.63 16.32
CA ILE D 174 -30.69 28.60 16.87
C ILE D 174 -30.56 29.63 17.98
N VAL D 175 -30.02 29.21 19.12
CA VAL D 175 -29.87 30.09 20.27
C VAL D 175 -28.39 30.24 20.57
N VAL D 176 -27.94 31.49 20.64
CA VAL D 176 -26.58 31.83 20.99
C VAL D 176 -26.64 32.83 22.14
N ASP D 177 -25.48 33.22 22.65
CA ASP D 177 -25.43 34.25 23.69
C ASP D 177 -24.39 35.32 23.38
N ARG D 178 -24.05 36.14 24.37
CA ARG D 178 -23.09 37.23 24.15
C ARG D 178 -21.66 36.72 24.07
N ARG D 179 -21.30 35.74 24.88
CA ARG D 179 -19.92 35.24 24.90
C ARG D 179 -19.84 33.73 25.00
#